data_1BO4
#
_entry.id   1BO4
#
_cell.length_a   78.540
_cell.length_b   102.260
_cell.length_c   50.140
_cell.angle_alpha   90.00
_cell.angle_beta   93.73
_cell.angle_gamma   90.00
#
_symmetry.space_group_name_H-M   'C 1 2 1'
#
loop_
_entity.id
_entity.type
_entity.pdbx_description
1 polymer 'PROTEIN (SERRATIA MARCESCENS AMINOGLYCOSIDE-3-N-ACETYLTRANSFERASE)'
2 non-polymer SPERMIDINE
3 non-polymer 'COENZYME A'
4 water water
#
_entity_poly.entity_id   1
_entity_poly.type   'polypeptide(L)'
_entity_poly.pdbx_seq_one_letter_code
;MLRSSNDVTQQGSRPKTKLGGSSMGIIRTCRLGPDQVKSMRAALDLFGREFGDVATYSQHQPDSDYLGNLLRSKTFIALA
AFDQEAVVGALAAYVLPKFEQPRSEIYIYDLAVSGEHRRQGIATALINLLKHEANALGAYVIYVQADYGDDPAVALYTKL
GIREEVMH
;
_entity_poly.pdbx_strand_id   A,B
#
# COMPACT_ATOMS: atom_id res chain seq x y z
N GLY A 25 23.14 12.30 24.30
CA GLY A 25 22.77 10.92 23.87
C GLY A 25 23.13 10.66 22.42
N ILE A 26 22.77 11.58 21.54
CA ILE A 26 23.05 11.47 20.11
C ILE A 26 22.33 10.29 19.47
N ILE A 27 21.26 10.60 18.75
CA ILE A 27 20.49 9.59 18.06
C ILE A 27 20.63 9.82 16.57
N ARG A 28 21.11 8.82 15.84
CA ARG A 28 21.28 8.98 14.41
C ARG A 28 20.23 8.21 13.62
N THR A 29 19.83 8.77 12.48
CA THR A 29 18.82 8.16 11.64
C THR A 29 19.32 7.99 10.22
N CYS A 30 18.76 7.02 9.51
CA CYS A 30 19.14 6.80 8.13
C CYS A 30 18.18 5.82 7.47
N ARG A 31 18.18 5.83 6.15
CA ARG A 31 17.36 4.90 5.38
C ARG A 31 18.22 3.65 5.19
N LEU A 32 17.63 2.50 5.52
CA LEU A 32 18.33 1.24 5.36
C LEU A 32 18.36 0.78 3.91
N GLY A 33 19.52 0.30 3.47
CA GLY A 33 19.65 -0.20 2.11
C GLY A 33 19.88 -1.70 2.14
N PRO A 34 19.96 -2.36 0.98
CA PRO A 34 20.18 -3.81 0.90
C PRO A 34 21.46 -4.27 1.59
N ASP A 35 22.31 -3.31 1.94
CA ASP A 35 23.57 -3.58 2.60
C ASP A 35 23.39 -3.56 4.12
N GLN A 36 22.19 -3.20 4.57
CA GLN A 36 21.92 -3.12 6.00
C GLN A 36 20.81 -4.06 6.44
N VAL A 37 20.82 -5.26 5.89
CA VAL A 37 19.83 -6.27 6.26
C VAL A 37 19.83 -6.50 7.77
N LYS A 38 21.02 -6.51 8.37
CA LYS A 38 21.16 -6.74 9.80
C LYS A 38 20.40 -5.72 10.65
N SER A 39 20.50 -4.44 10.29
CA SER A 39 19.77 -3.43 11.06
C SER A 39 18.28 -3.61 10.77
N MET A 40 17.95 -3.98 9.54
CA MET A 40 16.56 -4.17 9.18
C MET A 40 15.99 -5.23 10.13
N ARG A 41 16.73 -6.32 10.33
CA ARG A 41 16.27 -7.35 11.23
C ARG A 41 16.17 -6.84 12.65
N ALA A 42 17.11 -5.96 13.04
CA ALA A 42 17.08 -5.40 14.39
C ALA A 42 15.85 -4.51 14.51
N ALA A 43 15.49 -3.84 13.42
CA ALA A 43 14.31 -2.99 13.44
C ALA A 43 13.07 -3.84 13.59
N LEU A 44 13.09 -5.03 12.98
CA LEU A 44 11.95 -5.93 13.07
C LEU A 44 11.77 -6.40 14.52
N ASP A 45 12.87 -6.69 15.21
CA ASP A 45 12.79 -7.12 16.61
C ASP A 45 12.22 -6.00 17.48
N LEU A 46 12.57 -4.76 17.17
CA LEU A 46 12.06 -3.61 17.92
C LEU A 46 10.54 -3.55 17.74
N PHE A 47 10.09 -3.77 16.51
CA PHE A 47 8.65 -3.76 16.23
C PHE A 47 7.99 -4.84 17.10
N GLY A 48 8.58 -6.03 17.11
CA GLY A 48 8.05 -7.11 17.91
C GLY A 48 7.88 -6.76 19.38
N ARG A 49 8.90 -6.14 19.96
CA ARG A 49 8.87 -5.76 21.36
C ARG A 49 7.89 -4.62 21.67
N GLU A 50 7.88 -3.59 20.83
CA GLU A 50 6.99 -2.46 21.09
C GLU A 50 5.52 -2.74 20.82
N PHE A 51 5.25 -3.72 19.95
CA PHE A 51 3.87 -4.10 19.62
C PHE A 51 3.37 -5.26 20.47
N GLY A 52 4.22 -5.79 21.35
CA GLY A 52 3.80 -6.91 22.17
C GLY A 52 3.45 -8.10 21.31
N ASP A 53 4.29 -8.38 20.31
CA ASP A 53 4.05 -9.49 19.40
C ASP A 53 5.40 -9.91 18.84
N VAL A 54 6.28 -10.34 19.74
CA VAL A 54 7.61 -10.76 19.37
C VAL A 54 7.64 -11.89 18.33
N ALA A 55 6.74 -12.86 18.48
CA ALA A 55 6.70 -13.98 17.55
C ALA A 55 6.49 -13.52 16.12
N THR A 56 5.49 -12.68 15.92
CA THR A 56 5.15 -12.15 14.61
C THR A 56 6.27 -11.42 13.86
N TYR A 57 7.09 -10.66 14.59
CA TYR A 57 8.15 -9.88 13.97
C TYR A 57 9.55 -10.43 14.08
N SER A 58 9.74 -11.46 14.89
CA SER A 58 11.07 -11.98 15.07
C SER A 58 11.25 -13.45 14.80
N GLN A 59 10.15 -14.20 14.85
CA GLN A 59 10.23 -15.64 14.64
C GLN A 59 9.99 -16.16 13.24
N HIS A 60 9.56 -15.27 12.34
CA HIS A 60 9.28 -15.70 10.98
C HIS A 60 9.78 -14.69 9.96
N GLN A 61 10.94 -14.11 10.23
CA GLN A 61 11.49 -13.10 9.32
C GLN A 61 11.87 -13.75 8.00
N PRO A 62 11.69 -13.03 6.89
CA PRO A 62 12.05 -13.59 5.58
C PRO A 62 13.57 -13.71 5.47
N ASP A 63 14.05 -14.51 4.51
CA ASP A 63 15.49 -14.69 4.35
C ASP A 63 16.14 -13.39 3.83
N SER A 64 17.47 -13.38 3.77
CA SER A 64 18.19 -12.19 3.36
C SER A 64 18.04 -11.79 1.90
N ASP A 65 17.84 -12.77 1.03
CA ASP A 65 17.64 -12.44 -0.37
C ASP A 65 16.37 -11.63 -0.47
N TYR A 66 15.33 -12.09 0.20
CA TYR A 66 14.04 -11.42 0.18
C TYR A 66 14.12 -10.02 0.78
N LEU A 67 14.76 -9.92 1.94
CA LEU A 67 14.90 -8.64 2.62
C LEU A 67 15.77 -7.70 1.79
N GLY A 68 16.79 -8.26 1.14
CA GLY A 68 17.66 -7.44 0.31
C GLY A 68 16.92 -6.89 -0.90
N ASN A 69 16.05 -7.71 -1.50
CA ASN A 69 15.28 -7.25 -2.66
C ASN A 69 14.30 -6.18 -2.24
N LEU A 70 13.65 -6.40 -1.10
CA LEU A 70 12.69 -5.44 -0.59
C LEU A 70 13.37 -4.08 -0.36
N LEU A 71 14.51 -4.09 0.32
CA LEU A 71 15.24 -2.86 0.62
C LEU A 71 15.86 -2.26 -0.64
N ARG A 72 15.88 -3.02 -1.71
CA ARG A 72 16.44 -2.54 -2.96
C ARG A 72 15.38 -1.85 -3.84
N SER A 73 14.10 -2.11 -3.53
CA SER A 73 13.01 -1.52 -4.30
C SER A 73 12.80 -0.06 -3.92
N LYS A 74 12.14 0.67 -4.82
CA LYS A 74 11.88 2.09 -4.58
C LYS A 74 10.50 2.31 -3.98
N THR A 75 9.70 1.25 -3.91
CA THR A 75 8.36 1.37 -3.35
C THR A 75 8.26 0.93 -1.90
N PHE A 76 9.40 0.66 -1.28
CA PHE A 76 9.43 0.29 0.14
C PHE A 76 10.51 1.12 0.82
N ILE A 77 10.20 1.62 2.00
CA ILE A 77 11.15 2.45 2.72
C ILE A 77 11.31 2.06 4.18
N ALA A 78 12.53 1.71 4.57
CA ALA A 78 12.81 1.34 5.94
C ALA A 78 13.73 2.38 6.55
N LEU A 79 13.28 2.98 7.64
CA LEU A 79 14.04 4.00 8.36
C LEU A 79 14.32 3.49 9.76
N ALA A 80 15.54 3.74 10.25
CA ALA A 80 15.94 3.31 11.57
C ALA A 80 16.68 4.41 12.30
N ALA A 81 16.49 4.47 13.62
CA ALA A 81 17.15 5.45 14.46
C ALA A 81 18.07 4.67 15.37
N PHE A 82 19.30 5.13 15.51
CA PHE A 82 20.29 4.43 16.34
C PHE A 82 20.76 5.21 17.56
N ASP A 83 20.96 4.49 18.65
CA ASP A 83 21.47 5.05 19.90
C ASP A 83 22.60 4.12 20.30
N GLN A 84 23.83 4.61 20.26
CA GLN A 84 24.99 3.80 20.61
C GLN A 84 25.08 2.63 19.63
N GLU A 85 24.66 2.90 18.40
CA GLU A 85 24.70 1.90 17.33
C GLU A 85 23.76 0.71 17.55
N ALA A 86 22.65 0.96 18.23
CA ALA A 86 21.63 -0.05 18.49
C ALA A 86 20.32 0.56 17.98
N VAL A 87 19.52 -0.22 17.27
CA VAL A 87 18.25 0.29 16.76
C VAL A 87 17.32 0.65 17.91
N VAL A 88 16.87 1.90 17.92
CA VAL A 88 15.99 2.41 18.97
C VAL A 88 14.69 2.98 18.40
N GLY A 89 14.57 2.98 17.07
CA GLY A 89 13.38 3.48 16.42
C GLY A 89 13.37 2.97 14.99
N ALA A 90 12.20 2.59 14.50
CA ALA A 90 12.09 2.07 13.14
C ALA A 90 10.83 2.54 12.48
N LEU A 91 10.90 2.73 11.18
CA LEU A 91 9.79 3.21 10.38
C LEU A 91 9.74 2.41 9.09
N ALA A 92 8.59 1.78 8.82
CA ALA A 92 8.42 1.01 7.60
C ALA A 92 7.27 1.62 6.80
N ALA A 93 7.54 2.01 5.57
CA ALA A 93 6.51 2.63 4.73
C ALA A 93 6.53 2.09 3.32
N TYR A 94 5.38 2.21 2.66
CA TYR A 94 5.22 1.77 1.29
C TYR A 94 4.86 2.94 0.41
N VAL A 95 5.44 2.95 -0.79
CA VAL A 95 5.18 4.00 -1.77
C VAL A 95 4.20 3.41 -2.78
N LEU A 96 3.04 4.02 -2.91
CA LEU A 96 2.08 3.51 -3.87
C LEU A 96 2.12 4.27 -5.16
N PRO A 97 2.60 3.65 -6.21
CA PRO A 97 2.65 4.33 -7.50
C PRO A 97 1.18 4.28 -7.96
N LYS A 98 0.55 5.45 -8.10
CA LYS A 98 -0.85 5.53 -8.48
C LYS A 98 -1.23 5.22 -9.95
N PHE A 99 -2.47 4.77 -10.15
CA PHE A 99 -2.98 4.44 -11.49
C PHE A 99 -3.76 5.59 -12.12
N GLU A 100 -4.45 6.38 -11.29
CA GLU A 100 -5.24 7.47 -11.84
C GLU A 100 -4.38 8.59 -12.40
N GLN A 101 -3.23 8.85 -11.79
CA GLN A 101 -2.31 9.90 -12.24
C GLN A 101 -0.86 9.48 -11.98
N PRO A 102 0.10 10.08 -12.70
CA PRO A 102 1.52 9.75 -12.52
C PRO A 102 2.02 10.41 -11.25
N ARG A 103 1.60 9.91 -10.10
CA ARG A 103 1.99 10.44 -8.81
C ARG A 103 2.09 9.28 -7.85
N SER A 104 2.63 9.51 -6.65
CA SER A 104 2.76 8.44 -5.67
C SER A 104 2.38 8.88 -4.26
N GLU A 105 1.93 7.90 -3.46
CA GLU A 105 1.50 8.18 -2.10
C GLU A 105 2.27 7.28 -1.14
N ILE A 106 2.67 7.82 0.00
CA ILE A 106 3.42 7.07 1.00
C ILE A 106 2.52 6.73 2.18
N TYR A 107 2.58 5.47 2.62
CA TYR A 107 1.79 5.03 3.76
C TYR A 107 2.74 4.41 4.77
N ILE A 108 2.79 5.00 5.97
CA ILE A 108 3.63 4.47 7.03
C ILE A 108 2.88 3.28 7.61
N TYR A 109 3.40 2.09 7.35
CA TYR A 109 2.77 0.88 7.85
C TYR A 109 3.10 0.70 9.31
N ASP A 110 4.38 0.57 9.64
CA ASP A 110 4.82 0.42 11.03
C ASP A 110 5.80 1.48 11.49
N LEU A 111 5.57 1.98 12.70
CA LEU A 111 6.41 3.01 13.30
C LEU A 111 6.46 2.75 14.82
N ALA A 112 7.65 2.56 15.36
CA ALA A 112 7.81 2.31 16.79
C ALA A 112 9.14 2.79 17.34
N VAL A 113 9.12 3.20 18.61
CA VAL A 113 10.31 3.67 19.30
C VAL A 113 10.49 2.87 20.59
N SER A 114 11.75 2.60 20.94
CA SER A 114 12.07 1.89 22.16
C SER A 114 11.31 2.48 23.35
N GLY A 115 10.81 1.61 24.22
CA GLY A 115 10.07 2.07 25.38
C GLY A 115 10.96 2.86 26.32
N GLU A 116 12.27 2.70 26.14
CA GLU A 116 13.23 3.41 26.97
C GLU A 116 13.70 4.71 26.33
N HIS A 117 13.13 5.04 25.18
CA HIS A 117 13.51 6.26 24.49
C HIS A 117 12.30 7.05 24.00
N ARG A 118 11.16 6.87 24.66
CA ARG A 118 9.94 7.60 24.27
C ARG A 118 10.04 9.09 24.62
N ARG A 119 9.20 9.88 23.98
CA ARG A 119 9.13 11.32 24.21
C ARG A 119 10.48 12.02 24.07
N GLN A 120 11.30 11.56 23.14
CA GLN A 120 12.61 12.15 22.88
C GLN A 120 12.70 12.74 21.47
N GLY A 121 11.62 12.62 20.70
CA GLY A 121 11.61 13.14 19.35
C GLY A 121 12.13 12.18 18.29
N ILE A 122 12.26 10.90 18.65
CA ILE A 122 12.77 9.91 17.69
C ILE A 122 11.81 9.62 16.56
N ALA A 123 10.54 9.38 16.89
CA ALA A 123 9.55 9.11 15.85
C ALA A 123 9.49 10.35 14.96
N THR A 124 9.56 11.53 15.59
CA THR A 124 9.53 12.78 14.84
C THR A 124 10.70 12.82 13.86
N ALA A 125 11.88 12.42 14.34
CA ALA A 125 13.08 12.41 13.50
C ALA A 125 12.96 11.41 12.34
N LEU A 126 12.33 10.27 12.57
CA LEU A 126 12.19 9.28 11.51
C LEU A 126 11.23 9.79 10.44
N ILE A 127 10.17 10.45 10.90
CA ILE A 127 9.18 11.02 10.01
C ILE A 127 9.75 12.19 9.19
N ASN A 128 10.64 12.98 9.78
CA ASN A 128 11.24 14.07 9.03
C ASN A 128 12.13 13.52 7.94
N LEU A 129 12.85 12.45 8.25
CA LEU A 129 13.72 11.81 7.26
C LEU A 129 12.80 11.25 6.17
N LEU A 130 11.67 10.70 6.59
CA LEU A 130 10.70 10.13 5.65
C LEU A 130 10.22 11.22 4.68
N LYS A 131 9.99 12.42 5.19
CA LYS A 131 9.56 13.52 4.34
C LYS A 131 10.68 13.84 3.35
N HIS A 132 11.92 13.73 3.80
CA HIS A 132 13.06 13.99 2.94
C HIS A 132 13.04 12.96 1.81
N GLU A 133 12.77 11.71 2.16
CA GLU A 133 12.70 10.64 1.16
C GLU A 133 11.55 10.86 0.20
N ALA A 134 10.39 11.25 0.73
CA ALA A 134 9.21 11.49 -0.09
C ALA A 134 9.50 12.55 -1.15
N ASN A 135 10.06 13.68 -0.72
CA ASN A 135 10.38 14.76 -1.64
C ASN A 135 11.31 14.31 -2.75
N ALA A 136 12.35 13.56 -2.41
CA ALA A 136 13.29 13.07 -3.42
C ALA A 136 12.58 12.09 -4.35
N LEU A 137 11.68 11.32 -3.76
CA LEU A 137 10.94 10.31 -4.49
C LEU A 137 9.83 10.95 -5.32
N GLY A 138 9.34 12.09 -4.87
CA GLY A 138 8.29 12.78 -5.60
C GLY A 138 6.90 12.59 -5.02
N ALA A 139 6.78 11.73 -4.01
CA ALA A 139 5.47 11.48 -3.38
C ALA A 139 4.84 12.80 -2.98
N TYR A 140 3.54 12.94 -3.21
CA TYR A 140 2.84 14.18 -2.90
C TYR A 140 2.14 14.15 -1.55
N VAL A 141 2.06 12.97 -0.92
CA VAL A 141 1.40 12.83 0.38
C VAL A 141 1.93 11.63 1.18
N ILE A 142 1.73 11.69 2.49
CA ILE A 142 2.16 10.66 3.42
C ILE A 142 1.04 10.36 4.43
N TYR A 143 0.66 9.09 4.55
CA TYR A 143 -0.36 8.71 5.51
C TYR A 143 0.27 7.97 6.67
N VAL A 144 -0.26 8.21 7.87
CA VAL A 144 0.24 7.57 9.08
C VAL A 144 -0.89 6.83 9.79
N GLN A 145 -0.54 5.98 10.74
CA GLN A 145 -1.49 5.18 11.50
C GLN A 145 -2.30 6.00 12.53
N ALA A 146 -3.61 6.04 12.36
CA ALA A 146 -4.51 6.74 13.28
C ALA A 146 -4.69 5.75 14.44
N ASP A 147 -3.60 5.08 14.73
CA ASP A 147 -3.47 4.04 15.74
C ASP A 147 -4.16 4.12 17.10
N TYR A 148 -4.52 2.93 17.54
CA TYR A 148 -5.12 2.61 18.82
C TYR A 148 -4.43 1.27 18.99
N GLY A 149 -3.75 0.87 17.91
CA GLY A 149 -3.00 -0.37 17.86
C GLY A 149 -3.80 -1.65 17.82
N ASP A 150 -4.71 -1.80 18.77
CA ASP A 150 -5.54 -2.99 18.88
C ASP A 150 -6.05 -3.48 17.53
N ASP A 151 -6.28 -2.52 16.63
CA ASP A 151 -6.78 -2.77 15.28
C ASP A 151 -6.47 -4.14 14.67
N PRO A 152 -7.34 -5.13 14.90
CA PRO A 152 -7.11 -6.47 14.35
C PRO A 152 -7.44 -6.50 12.86
N ALA A 153 -8.73 -6.29 12.55
CA ALA A 153 -9.24 -6.31 11.20
C ALA A 153 -9.50 -4.90 10.68
N VAL A 154 -8.99 -3.90 11.38
CA VAL A 154 -9.18 -2.52 10.98
C VAL A 154 -7.83 -1.82 10.91
N ALA A 155 -7.68 -0.94 9.93
CA ALA A 155 -6.43 -0.20 9.76
C ALA A 155 -6.73 1.20 9.25
N LEU A 156 -6.72 2.17 10.17
CA LEU A 156 -7.01 3.54 9.81
C LEU A 156 -5.74 4.35 9.60
N TYR A 157 -5.80 5.24 8.62
CA TYR A 157 -4.66 6.10 8.31
C TYR A 157 -5.13 7.54 8.26
N THR A 158 -4.23 8.46 8.60
CA THR A 158 -4.56 9.87 8.57
C THR A 158 -3.50 10.53 7.72
N LYS A 159 -3.86 11.62 7.07
CA LYS A 159 -2.93 12.31 6.20
C LYS A 159 -1.95 13.21 6.93
N LEU A 160 -0.67 12.87 6.81
CA LEU A 160 0.39 13.69 7.39
C LEU A 160 0.60 14.75 6.32
N GLY A 161 0.65 14.30 5.07
CA GLY A 161 0.84 15.19 3.95
C GLY A 161 2.17 14.97 3.25
N GLY B 25 -27.27 -8.85 -19.15
CA GLY B 25 -27.02 -9.65 -20.37
C GLY B 25 -25.60 -10.22 -20.45
N ILE B 26 -25.14 -10.79 -19.34
CA ILE B 26 -23.80 -11.38 -19.27
C ILE B 26 -22.69 -10.37 -19.01
N ILE B 27 -22.08 -10.48 -17.85
CA ILE B 27 -20.98 -9.60 -17.45
C ILE B 27 -19.68 -10.38 -17.37
N ARG B 28 -18.71 -9.99 -18.18
CA ARG B 28 -17.42 -10.65 -18.18
C ARG B 28 -16.40 -9.89 -17.34
N THR B 29 -15.55 -10.61 -16.63
CA THR B 29 -14.52 -10.00 -15.80
C THR B 29 -13.15 -10.57 -16.12
N CYS B 30 -12.11 -9.79 -15.88
CA CYS B 30 -10.75 -10.25 -16.13
C CYS B 30 -9.78 -9.25 -15.53
N ARG B 31 -8.54 -9.68 -15.37
CA ARG B 31 -7.50 -8.81 -14.86
C ARG B 31 -6.86 -8.16 -16.08
N LEU B 32 -6.59 -6.87 -15.98
CA LEU B 32 -6.00 -6.12 -17.08
C LEU B 32 -4.48 -6.29 -17.14
N GLY B 33 -3.98 -6.46 -18.35
CA GLY B 33 -2.55 -6.62 -18.55
C GLY B 33 -1.98 -5.42 -19.27
N PRO B 34 -0.65 -5.37 -19.49
CA PRO B 34 -0.03 -4.24 -20.18
C PRO B 34 -0.56 -4.04 -21.60
N ASP B 35 -1.26 -5.05 -22.09
CA ASP B 35 -1.83 -5.02 -23.44
C ASP B 35 -3.26 -4.46 -23.44
N GLN B 36 -3.75 -4.06 -22.27
CA GLN B 36 -5.11 -3.55 -22.15
C GLN B 36 -5.15 -2.16 -21.52
N VAL B 37 -4.15 -1.35 -21.86
CA VAL B 37 -4.09 0.01 -21.36
C VAL B 37 -5.41 0.74 -21.64
N LYS B 38 -5.95 0.57 -22.85
CA LYS B 38 -7.21 1.23 -23.22
C LYS B 38 -8.35 0.94 -22.25
N SER B 39 -8.48 -0.31 -21.82
CA SER B 39 -9.53 -0.66 -20.87
C SER B 39 -9.19 -0.09 -19.49
N MET B 40 -7.90 -0.01 -19.18
CA MET B 40 -7.50 0.53 -17.89
C MET B 40 -7.97 1.97 -17.86
N ARG B 41 -7.75 2.69 -18.97
CA ARG B 41 -8.21 4.07 -19.05
C ARG B 41 -9.71 4.17 -18.91
N ALA B 42 -10.43 3.21 -19.48
CA ALA B 42 -11.89 3.22 -19.38
C ALA B 42 -12.28 2.94 -17.93
N ALA B 43 -11.52 2.08 -17.26
CA ALA B 43 -11.82 1.77 -15.87
C ALA B 43 -11.54 3.04 -15.05
N LEU B 44 -10.50 3.76 -15.45
CA LEU B 44 -10.17 5.00 -14.75
C LEU B 44 -11.33 5.97 -14.91
N ASP B 45 -11.82 6.12 -16.15
CA ASP B 45 -12.93 7.03 -16.39
C ASP B 45 -14.14 6.62 -15.55
N LEU B 46 -14.33 5.31 -15.40
CA LEU B 46 -15.44 4.78 -14.60
C LEU B 46 -15.30 5.26 -13.16
N PHE B 47 -14.10 5.14 -12.60
CA PHE B 47 -13.83 5.58 -11.24
C PHE B 47 -14.20 7.07 -11.08
N GLY B 48 -13.83 7.87 -12.07
CA GLY B 48 -14.13 9.28 -12.02
C GLY B 48 -15.62 9.57 -11.91
N ARG B 49 -16.41 8.94 -12.77
CA ARG B 49 -17.85 9.15 -12.76
C ARG B 49 -18.50 8.66 -11.46
N GLU B 50 -18.22 7.42 -11.08
CA GLU B 50 -18.81 6.84 -9.88
C GLU B 50 -18.35 7.44 -8.56
N PHE B 51 -17.18 8.08 -8.55
CA PHE B 51 -16.65 8.72 -7.35
C PHE B 51 -16.98 10.20 -7.34
N GLY B 52 -17.58 10.70 -8.41
CA GLY B 52 -17.92 12.10 -8.48
C GLY B 52 -16.68 12.98 -8.54
N ASP B 53 -15.72 12.58 -9.36
CA ASP B 53 -14.49 13.35 -9.50
C ASP B 53 -13.81 13.00 -10.81
N VAL B 54 -14.42 13.44 -11.90
CA VAL B 54 -13.95 13.19 -13.25
C VAL B 54 -12.54 13.70 -13.59
N ALA B 55 -12.22 14.91 -13.19
CA ALA B 55 -10.90 15.47 -13.48
C ALA B 55 -9.75 14.66 -12.89
N THR B 56 -9.89 14.27 -11.63
CA THR B 56 -8.84 13.49 -10.96
C THR B 56 -8.56 12.14 -11.62
N TYR B 57 -9.57 11.48 -12.16
CA TYR B 57 -9.35 10.17 -12.78
C TYR B 57 -9.29 10.19 -14.30
N SER B 58 -9.68 11.30 -14.91
CA SER B 58 -9.71 11.35 -16.35
C SER B 58 -8.87 12.41 -17.05
N GLN B 59 -8.58 13.52 -16.36
CA GLN B 59 -7.81 14.60 -16.96
C GLN B 59 -6.30 14.55 -16.78
N HIS B 60 -5.83 13.70 -15.87
CA HIS B 60 -4.40 13.62 -15.62
C HIS B 60 -3.91 12.18 -15.56
N GLN B 61 -4.41 11.35 -16.47
CA GLN B 61 -4.02 9.96 -16.49
C GLN B 61 -2.56 9.87 -16.91
N PRO B 62 -1.84 8.85 -16.43
CA PRO B 62 -0.43 8.61 -16.75
C PRO B 62 -0.31 8.27 -18.25
N ASP B 63 0.87 8.44 -18.84
CA ASP B 63 1.02 8.09 -20.24
C ASP B 63 0.97 6.57 -20.40
N SER B 64 0.94 6.07 -21.62
CA SER B 64 0.84 4.64 -21.83
C SER B 64 2.04 3.86 -21.35
N ASP B 65 3.21 4.47 -21.36
CA ASP B 65 4.41 3.82 -20.87
C ASP B 65 4.23 3.48 -19.39
N TYR B 66 3.75 4.47 -18.64
CA TYR B 66 3.54 4.33 -17.20
C TYR B 66 2.43 3.32 -16.87
N LEU B 67 1.30 3.40 -17.56
CA LEU B 67 0.22 2.46 -17.30
C LEU B 67 0.69 1.07 -17.70
N GLY B 68 1.41 0.99 -18.81
CA GLY B 68 1.93 -0.29 -19.25
C GLY B 68 2.78 -0.92 -18.16
N ASN B 69 3.72 -0.15 -17.61
CA ASN B 69 4.60 -0.64 -16.56
C ASN B 69 3.85 -0.99 -15.28
N LEU B 70 2.88 -0.16 -14.90
CA LEU B 70 2.12 -0.45 -13.70
C LEU B 70 1.40 -1.79 -13.91
N LEU B 71 0.76 -1.95 -15.06
CA LEU B 71 0.05 -3.20 -15.36
C LEU B 71 0.96 -4.41 -15.49
N ARG B 72 2.23 -4.21 -15.80
CA ARG B 72 3.13 -5.36 -15.93
C ARG B 72 3.68 -5.78 -14.56
N SER B 73 3.55 -4.91 -13.55
CA SER B 73 4.06 -5.21 -12.22
C SER B 73 3.18 -6.25 -11.52
N LYS B 74 3.78 -6.95 -10.56
CA LYS B 74 3.06 -7.98 -9.81
C LYS B 74 2.45 -7.46 -8.50
N THR B 75 2.82 -6.24 -8.13
CA THR B 75 2.30 -5.66 -6.90
C THR B 75 1.10 -4.75 -7.13
N PHE B 76 0.58 -4.76 -8.35
CA PHE B 76 -0.61 -3.97 -8.67
C PHE B 76 -1.59 -4.85 -9.40
N ILE B 77 -2.86 -4.72 -9.07
CA ILE B 77 -3.87 -5.53 -9.72
C ILE B 77 -5.05 -4.67 -10.13
N ALA B 78 -5.40 -4.71 -11.41
CA ALA B 78 -6.53 -3.95 -11.91
C ALA B 78 -7.49 -4.95 -12.55
N LEU B 79 -8.71 -4.96 -12.02
CA LEU B 79 -9.74 -5.87 -12.52
C LEU B 79 -10.87 -5.06 -13.14
N ALA B 80 -11.44 -5.56 -14.24
CA ALA B 80 -12.52 -4.86 -14.92
C ALA B 80 -13.65 -5.79 -15.32
N ALA B 81 -14.88 -5.30 -15.22
CA ALA B 81 -16.05 -6.07 -15.59
C ALA B 81 -16.64 -5.39 -16.82
N PHE B 82 -16.96 -6.19 -17.84
CA PHE B 82 -17.52 -5.63 -19.06
C PHE B 82 -18.98 -6.03 -19.29
N ASP B 83 -19.67 -5.16 -19.99
CA ASP B 83 -21.06 -5.37 -20.36
C ASP B 83 -21.13 -4.88 -21.79
N GLN B 84 -21.32 -5.79 -22.74
CA GLN B 84 -21.38 -5.42 -24.14
C GLN B 84 -20.05 -4.75 -24.52
N GLU B 85 -18.97 -5.28 -23.96
CA GLU B 85 -17.62 -4.80 -24.23
C GLU B 85 -17.29 -3.38 -23.74
N ALA B 86 -18.06 -2.90 -22.78
CA ALA B 86 -17.85 -1.59 -22.18
C ALA B 86 -17.54 -1.82 -20.70
N VAL B 87 -16.56 -1.09 -20.17
CA VAL B 87 -16.19 -1.24 -18.77
C VAL B 87 -17.34 -0.76 -17.88
N VAL B 88 -17.88 -1.65 -17.06
CA VAL B 88 -18.98 -1.30 -16.14
C VAL B 88 -18.62 -1.57 -14.69
N GLY B 89 -17.38 -2.03 -14.47
CA GLY B 89 -16.93 -2.32 -13.13
C GLY B 89 -15.42 -2.37 -13.12
N ALA B 90 -14.81 -1.83 -12.07
CA ALA B 90 -13.36 -1.81 -11.97
C ALA B 90 -12.89 -1.92 -10.53
N LEU B 91 -11.73 -2.56 -10.36
CA LEU B 91 -11.15 -2.73 -9.04
C LEU B 91 -9.63 -2.59 -9.16
N ALA B 92 -9.07 -1.68 -8.37
CA ALA B 92 -7.63 -1.43 -8.36
C ALA B 92 -7.13 -1.78 -6.96
N ALA B 93 -6.13 -2.65 -6.90
CA ALA B 93 -5.59 -3.07 -5.62
C ALA B 93 -4.09 -3.19 -5.64
N TYR B 94 -3.47 -3.00 -4.47
CA TYR B 94 -2.04 -3.14 -4.36
C TYR B 94 -1.72 -4.34 -3.49
N VAL B 95 -0.61 -4.97 -3.81
CA VAL B 95 -0.16 -6.14 -3.05
C VAL B 95 1.06 -5.63 -2.32
N LEU B 96 1.06 -5.75 -1.00
CA LEU B 96 2.21 -5.29 -0.23
C LEU B 96 3.11 -6.44 0.17
N PRO B 97 4.32 -6.49 -0.39
CA PRO B 97 5.26 -7.57 -0.02
C PRO B 97 5.65 -7.21 1.43
N LYS B 98 5.24 -8.02 2.39
CA LYS B 98 5.51 -7.70 3.80
C LYS B 98 6.98 -7.71 4.22
N PHE B 99 7.30 -6.99 5.28
CA PHE B 99 8.65 -6.92 5.79
C PHE B 99 8.93 -7.81 6.99
N GLU B 100 7.94 -8.01 7.86
CA GLU B 100 8.20 -8.83 9.05
C GLU B 100 8.22 -10.33 8.72
N GLN B 101 7.51 -10.71 7.65
CA GLN B 101 7.41 -12.10 7.22
C GLN B 101 7.27 -12.18 5.70
N PRO B 102 7.72 -13.28 5.08
CA PRO B 102 7.61 -13.44 3.64
C PRO B 102 6.15 -13.74 3.28
N ARG B 103 5.30 -12.74 3.43
CA ARG B 103 3.90 -12.92 3.13
C ARG B 103 3.42 -11.62 2.49
N SER B 104 2.23 -11.64 1.91
CA SER B 104 1.73 -10.43 1.27
C SER B 104 0.29 -10.14 1.65
N GLU B 105 -0.04 -8.86 1.65
CA GLU B 105 -1.38 -8.40 1.99
C GLU B 105 -1.93 -7.61 0.81
N ILE B 106 -3.21 -7.79 0.51
CA ILE B 106 -3.83 -7.09 -0.61
C ILE B 106 -4.76 -5.99 -0.09
N TYR B 107 -4.61 -4.78 -0.64
CA TYR B 107 -5.47 -3.68 -0.26
C TYR B 107 -6.22 -3.16 -1.48
N ILE B 108 -7.54 -3.27 -1.44
CA ILE B 108 -8.37 -2.79 -2.53
C ILE B 108 -8.39 -1.28 -2.33
N TYR B 109 -7.79 -0.55 -3.25
CA TYR B 109 -7.75 0.90 -3.14
C TYR B 109 -9.05 1.50 -3.66
N ASP B 110 -9.37 1.25 -4.93
CA ASP B 110 -10.61 1.77 -5.52
C ASP B 110 -11.46 0.65 -6.07
N LEU B 111 -12.76 0.73 -5.81
CA LEU B 111 -13.72 -0.27 -6.29
C LEU B 111 -15.00 0.48 -6.63
N ALA B 112 -15.49 0.31 -7.85
CA ALA B 112 -16.71 0.99 -8.25
C ALA B 112 -17.41 0.27 -9.39
N VAL B 113 -18.73 0.33 -9.35
CA VAL B 113 -19.57 -0.28 -10.37
C VAL B 113 -20.44 0.80 -11.01
N SER B 114 -20.65 0.67 -12.31
CA SER B 114 -21.47 1.61 -13.07
C SER B 114 -22.75 1.86 -12.29
N GLY B 115 -23.15 3.12 -12.19
CA GLY B 115 -24.36 3.47 -11.47
C GLY B 115 -25.61 2.80 -12.02
N GLU B 116 -25.58 2.47 -13.30
CA GLU B 116 -26.72 1.82 -13.93
C GLU B 116 -26.65 0.29 -13.85
N HIS B 117 -25.61 -0.23 -13.21
CA HIS B 117 -25.44 -1.68 -13.10
C HIS B 117 -25.28 -2.11 -11.64
N ARG B 118 -25.83 -1.33 -10.72
CA ARG B 118 -25.73 -1.64 -9.29
C ARG B 118 -26.59 -2.82 -8.82
N ARG B 119 -26.12 -3.51 -7.79
CA ARG B 119 -26.83 -4.63 -7.20
C ARG B 119 -27.09 -5.78 -8.18
N GLN B 120 -26.14 -5.98 -9.10
CA GLN B 120 -26.22 -7.06 -10.08
C GLN B 120 -25.15 -8.11 -9.79
N GLY B 121 -24.38 -7.87 -8.73
CA GLY B 121 -23.33 -8.80 -8.35
C GLY B 121 -22.00 -8.56 -9.05
N ILE B 122 -21.83 -7.40 -9.66
CA ILE B 122 -20.60 -7.09 -10.37
C ILE B 122 -19.42 -6.89 -9.41
N ALA B 123 -19.60 -6.08 -8.38
CA ALA B 123 -18.53 -5.88 -7.42
C ALA B 123 -18.17 -7.25 -6.84
N THR B 124 -19.21 -7.96 -6.37
CA THR B 124 -19.06 -9.28 -5.79
C THR B 124 -18.27 -10.19 -6.73
N ALA B 125 -18.50 -10.01 -8.04
CA ALA B 125 -17.80 -10.80 -9.04
C ALA B 125 -16.35 -10.33 -9.18
N LEU B 126 -16.12 -9.02 -9.10
CA LEU B 126 -14.78 -8.50 -9.19
C LEU B 126 -13.99 -8.96 -7.97
N ILE B 127 -14.65 -8.94 -6.82
CA ILE B 127 -14.03 -9.36 -5.57
C ILE B 127 -13.69 -10.84 -5.61
N ASN B 128 -14.56 -11.67 -6.18
CA ASN B 128 -14.26 -13.09 -6.27
C ASN B 128 -13.08 -13.30 -7.19
N LEU B 129 -12.99 -12.51 -8.26
CA LEU B 129 -11.85 -12.66 -9.16
C LEU B 129 -10.58 -12.24 -8.41
N LEU B 130 -10.70 -11.22 -7.57
CA LEU B 130 -9.54 -10.74 -6.79
C LEU B 130 -9.05 -11.85 -5.85
N LYS B 131 -9.97 -12.55 -5.19
CA LYS B 131 -9.59 -13.63 -4.29
C LYS B 131 -8.81 -14.69 -5.06
N HIS B 132 -9.20 -14.87 -6.32
CA HIS B 132 -8.53 -15.83 -7.18
C HIS B 132 -7.11 -15.36 -7.41
N GLU B 133 -6.96 -14.10 -7.82
CA GLU B 133 -5.65 -13.54 -8.06
C GLU B 133 -4.78 -13.59 -6.80
N ALA B 134 -5.40 -13.32 -5.66
CA ALA B 134 -4.69 -13.33 -4.38
C ALA B 134 -4.16 -14.72 -4.07
N ASN B 135 -5.05 -15.71 -4.17
CA ASN B 135 -4.68 -17.08 -3.89
C ASN B 135 -3.53 -17.53 -4.77
N ALA B 136 -3.58 -17.17 -6.05
CA ALA B 136 -2.51 -17.54 -6.97
C ALA B 136 -1.23 -16.80 -6.61
N LEU B 137 -1.38 -15.71 -5.86
CA LEU B 137 -0.25 -14.89 -5.48
C LEU B 137 0.24 -15.28 -4.08
N GLY B 138 -0.60 -16.00 -3.34
CA GLY B 138 -0.22 -16.41 -2.02
C GLY B 138 -0.66 -15.47 -0.92
N ALA B 139 -1.20 -14.30 -1.30
CA ALA B 139 -1.67 -13.31 -0.33
C ALA B 139 -2.56 -13.98 0.72
N TYR B 140 -2.26 -13.73 2.00
CA TYR B 140 -3.02 -14.34 3.09
C TYR B 140 -4.20 -13.51 3.57
N VAL B 141 -4.32 -12.27 3.10
CA VAL B 141 -5.43 -11.42 3.53
C VAL B 141 -5.72 -10.29 2.54
N ILE B 142 -6.97 -9.84 2.54
CA ILE B 142 -7.42 -8.78 1.67
C ILE B 142 -8.17 -7.72 2.46
N TYR B 143 -7.86 -6.46 2.20
CA TYR B 143 -8.55 -5.34 2.87
C TYR B 143 -9.29 -4.51 1.84
N VAL B 144 -10.34 -3.82 2.27
CA VAL B 144 -11.13 -2.97 1.40
C VAL B 144 -11.18 -1.59 2.03
N GLN B 145 -11.07 -0.54 1.20
CA GLN B 145 -11.07 0.81 1.71
C GLN B 145 -12.45 1.19 2.28
N ALA B 146 -12.47 1.53 3.58
CA ALA B 146 -13.71 1.91 4.26
C ALA B 146 -14.40 2.99 3.47
N ASP B 147 -15.62 2.71 3.03
CA ASP B 147 -16.33 3.67 2.20
C ASP B 147 -17.56 4.39 2.74
N TYR B 148 -17.32 5.63 3.12
CA TYR B 148 -18.35 6.55 3.54
C TYR B 148 -17.99 7.53 2.44
N GLY B 149 -16.98 7.08 1.67
CA GLY B 149 -16.44 7.81 0.54
C GLY B 149 -15.73 9.07 0.97
N ASP B 150 -16.55 10.07 1.27
CA ASP B 150 -16.14 11.40 1.70
C ASP B 150 -14.75 11.55 2.32
N ASP B 151 -14.29 10.51 3.01
CA ASP B 151 -12.99 10.49 3.69
C ASP B 151 -11.85 11.18 2.92
N PRO B 152 -11.62 12.49 3.18
CA PRO B 152 -10.57 13.25 2.50
C PRO B 152 -9.17 12.83 2.95
N ALA B 153 -8.83 13.18 4.19
CA ALA B 153 -7.53 12.87 4.76
C ALA B 153 -7.57 11.67 5.70
N VAL B 154 -8.61 10.86 5.57
CA VAL B 154 -8.75 9.68 6.43
C VAL B 154 -9.04 8.39 5.68
N ALA B 155 -7.99 7.68 5.31
CA ALA B 155 -8.17 6.42 4.62
C ALA B 155 -8.35 5.33 5.67
N LEU B 156 -9.37 4.51 5.49
CA LEU B 156 -9.65 3.44 6.44
C LEU B 156 -9.79 2.14 5.66
N TYR B 157 -9.31 1.05 6.25
CA TYR B 157 -9.41 -0.23 5.60
C TYR B 157 -9.91 -1.29 6.56
N THR B 158 -10.76 -2.17 6.05
CA THR B 158 -11.32 -3.26 6.83
C THR B 158 -11.02 -4.55 6.12
N LYS B 159 -10.79 -5.60 6.89
CA LYS B 159 -10.50 -6.92 6.35
C LYS B 159 -11.73 -7.47 5.64
N LEU B 160 -11.50 -8.12 4.49
CA LEU B 160 -12.55 -8.73 3.70
C LEU B 160 -12.53 -10.24 3.90
#